data_4A0Y
#
_entry.id   4A0Y
#
_cell.length_a   110.520
_cell.length_b   110.520
_cell.length_c   115.110
_cell.angle_alpha   90.00
_cell.angle_beta   90.00
_cell.angle_gamma   120.00
#
_symmetry.space_group_name_H-M   'P 31 2 1'
#
loop_
_entity.id
_entity.type
_entity.pdbx_description
1 polymer 'TRANSCRIPTION FACTOR FAPR'
2 non-polymer 'CHLORIDE ION'
3 water water
#
_entity_poly.entity_id   1
_entity_poly.type   'polypeptide(L)'
_entity_poly.pdbx_seq_one_letter_code
;MRGETLKLKKDKRREAIRQQIDSNPFITDHELSDLFQVSIQTIRLDRTYLNIPELRKRIKLVAEKNYDQISSIEEQEFIG
DLIQVNPNVKAQSILDITSDSVFHKTGIARGHVLFAQANSLCVALIKQPTVLTHESSIQFIEKVKLNDTVRAEARVVNQT
AKHYYVEVKSYVKHTLVFKGNFKMFYDKRG
;
_entity_poly.pdbx_strand_id   A,B
#
loop_
_chem_comp.id
_chem_comp.type
_chem_comp.name
_chem_comp.formula
CL non-polymer 'CHLORIDE ION' 'Cl -1'
#
# COMPACT_ATOMS: atom_id res chain seq x y z
N LEU A 6 -39.43 -19.83 -9.84
CA LEU A 6 -39.27 -19.94 -11.33
C LEU A 6 -38.16 -19.02 -11.81
N LYS A 7 -37.34 -19.51 -12.75
CA LYS A 7 -36.10 -18.81 -13.13
C LYS A 7 -36.04 -18.20 -14.53
N LEU A 8 -35.19 -17.21 -14.68
CA LEU A 8 -35.05 -16.44 -15.90
C LEU A 8 -34.65 -17.30 -17.08
N LYS A 9 -35.29 -17.08 -18.23
CA LYS A 9 -34.77 -17.57 -19.51
C LYS A 9 -33.35 -17.08 -19.76
N LYS A 10 -32.56 -17.95 -20.37
CA LYS A 10 -31.15 -17.74 -20.72
C LYS A 10 -30.83 -16.36 -21.28
N ASP A 11 -31.55 -15.94 -22.31
CA ASP A 11 -31.29 -14.65 -22.93
C ASP A 11 -31.58 -13.47 -22.00
N LYS A 12 -32.60 -13.61 -21.15
CA LYS A 12 -32.92 -12.58 -20.15
C LYS A 12 -31.88 -12.55 -19.06
N ARG A 13 -31.35 -13.71 -18.70
CA ARG A 13 -30.38 -13.81 -17.66
C ARG A 13 -29.09 -13.16 -18.14
N ARG A 14 -28.75 -13.43 -19.39
CA ARG A 14 -27.54 -12.85 -19.95
C ARG A 14 -27.60 -11.33 -20.11
N GLU A 15 -28.75 -10.79 -20.52
CA GLU A 15 -28.91 -9.36 -20.57
C GLU A 15 -28.69 -8.81 -19.17
N ALA A 16 -29.22 -9.52 -18.17
CA ALA A 16 -29.18 -9.04 -16.80
C ALA A 16 -27.79 -9.14 -16.24
N ILE A 17 -27.00 -10.10 -16.73
CA ILE A 17 -25.59 -10.18 -16.31
C ILE A 17 -24.78 -9.03 -16.88
N ARG A 18 -25.04 -8.69 -18.12
CA ARG A 18 -24.31 -7.63 -18.77
C ARG A 18 -24.59 -6.31 -18.08
N GLN A 19 -25.82 -6.15 -17.62
CA GLN A 19 -26.20 -4.93 -16.98
C GLN A 19 -25.53 -4.85 -15.61
N GLN A 20 -25.47 -5.97 -14.90
CA GLN A 20 -24.88 -5.99 -13.57
C GLN A 20 -23.43 -5.60 -13.64
N ILE A 21 -22.71 -6.21 -14.59
CA ILE A 21 -21.30 -5.94 -14.80
C ILE A 21 -21.03 -4.54 -15.35
N ASP A 22 -21.84 -4.04 -16.29
CA ASP A 22 -21.65 -2.67 -16.76
C ASP A 22 -21.71 -1.74 -15.57
N SER A 23 -22.51 -2.08 -14.56
CA SER A 23 -22.74 -1.15 -13.44
C SER A 23 -21.81 -1.35 -12.24
N ASN A 24 -21.34 -2.58 -12.05
CA ASN A 24 -20.32 -2.87 -11.09
C ASN A 24 -19.33 -3.87 -11.67
N PRO A 25 -18.24 -3.36 -12.26
CA PRO A 25 -17.27 -4.28 -12.89
C PRO A 25 -16.67 -5.29 -11.91
N PHE A 26 -16.75 -5.01 -10.62
CA PHE A 26 -16.06 -5.84 -9.63
C PHE A 26 -16.92 -6.93 -8.99
N ILE A 27 -18.12 -7.13 -9.54
CA ILE A 27 -19.06 -8.11 -9.01
C ILE A 27 -18.51 -9.50 -9.30
N THR A 28 -18.58 -10.39 -8.33
CA THR A 28 -18.02 -11.74 -8.50
C THR A 28 -18.98 -12.69 -9.14
N ASP A 29 -18.44 -13.80 -9.63
CA ASP A 29 -19.25 -14.85 -10.20
C ASP A 29 -20.17 -15.37 -9.13
N HIS A 30 -19.66 -15.51 -7.92
CA HIS A 30 -20.45 -15.96 -6.79
C HIS A 30 -21.66 -15.06 -6.55
N GLU A 31 -21.44 -13.75 -6.63
CA GLU A 31 -22.51 -12.79 -6.32
C GLU A 31 -23.56 -12.82 -7.43
N LEU A 32 -23.10 -12.99 -8.67
CA LEU A 32 -23.99 -13.08 -9.80
C LEU A 32 -24.85 -14.35 -9.67
N SER A 33 -24.15 -15.43 -9.35
CA SER A 33 -24.78 -16.68 -9.00
C SER A 33 -25.93 -16.52 -7.99
N ASP A 34 -25.70 -15.84 -6.86
CA ASP A 34 -26.74 -15.65 -5.85
C ASP A 34 -27.84 -14.77 -6.34
N LEU A 35 -27.47 -13.79 -7.15
CA LEU A 35 -28.45 -12.87 -7.69
C LEU A 35 -29.52 -13.56 -8.53
N PHE A 36 -29.09 -14.49 -9.38
CA PHE A 36 -29.97 -15.09 -10.37
C PHE A 36 -30.35 -16.49 -9.99
N GLN A 37 -29.80 -16.96 -8.85
CA GLN A 37 -30.12 -18.27 -8.28
C GLN A 37 -29.79 -19.39 -9.28
N VAL A 38 -28.63 -19.27 -9.92
CA VAL A 38 -28.10 -20.29 -10.78
C VAL A 38 -26.73 -20.70 -10.23
N SER A 39 -26.14 -21.76 -10.79
CA SER A 39 -24.80 -22.19 -10.41
C SER A 39 -23.71 -21.26 -10.95
N ILE A 40 -22.58 -21.26 -10.25
CA ILE A 40 -21.38 -20.59 -10.72
C ILE A 40 -21.05 -21.06 -12.14
N GLN A 41 -21.17 -22.36 -12.40
CA GLN A 41 -21.00 -22.86 -13.76
C GLN A 41 -21.81 -22.06 -14.77
N THR A 42 -23.10 -21.90 -14.51
CA THR A 42 -23.94 -21.10 -15.41
C THR A 42 -23.36 -19.70 -15.60
N ILE A 43 -22.95 -19.07 -14.50
CA ILE A 43 -22.40 -17.72 -14.64
C ILE A 43 -21.14 -17.75 -15.51
N ARG A 44 -20.28 -18.74 -15.31
CA ARG A 44 -19.04 -18.82 -16.08
C ARG A 44 -19.31 -18.98 -17.57
N LEU A 45 -20.22 -19.88 -17.90
CA LEU A 45 -20.59 -20.14 -19.28
C LEU A 45 -21.24 -18.89 -19.88
N ASP A 46 -22.03 -18.18 -19.08
CA ASP A 46 -22.63 -16.91 -19.53
C ASP A 46 -21.54 -15.87 -19.88
N ARG A 47 -20.54 -15.70 -19.00
CA ARG A 47 -19.42 -14.82 -19.31
C ARG A 47 -18.71 -15.17 -20.62
N THR A 48 -18.47 -16.46 -20.82
CA THR A 48 -17.83 -16.91 -22.02
C THR A 48 -18.65 -16.53 -23.25
N TYR A 49 -19.95 -16.77 -23.17
CA TYR A 49 -20.83 -16.40 -24.29
C TYR A 49 -20.76 -14.88 -24.55
N LEU A 50 -20.77 -14.10 -23.47
CA LEU A 50 -20.82 -12.66 -23.58
C LEU A 50 -19.46 -12.03 -23.85
N ASN A 51 -18.39 -12.83 -23.84
CA ASN A 51 -17.00 -12.33 -23.83
C ASN A 51 -16.69 -11.37 -22.69
N ILE A 52 -17.20 -11.68 -21.50
CA ILE A 52 -16.81 -10.95 -20.32
C ILE A 52 -15.64 -11.68 -19.64
N PRO A 53 -14.48 -11.01 -19.55
CA PRO A 53 -13.28 -11.55 -18.90
C PRO A 53 -13.55 -11.87 -17.41
N GLU A 54 -12.72 -12.73 -16.81
CA GLU A 54 -12.79 -12.96 -15.39
C GLU A 54 -12.51 -11.68 -14.58
N LEU A 55 -12.92 -11.68 -13.32
CA LEU A 55 -12.82 -10.51 -12.44
C LEU A 55 -11.44 -9.86 -12.47
N ARG A 56 -10.41 -10.67 -12.31
CA ARG A 56 -9.09 -10.12 -12.20
C ARG A 56 -8.67 -9.40 -13.50
N LYS A 57 -9.04 -9.97 -14.64
CA LYS A 57 -8.80 -9.30 -15.91
C LYS A 57 -9.57 -7.96 -16.04
N ARG A 58 -10.80 -7.93 -15.54
CA ARG A 58 -11.63 -6.76 -15.60
C ARG A 58 -11.02 -5.61 -14.74
N ILE A 59 -10.45 -5.99 -13.59
CA ILE A 59 -9.72 -5.07 -12.73
C ILE A 59 -8.52 -4.46 -13.47
N LYS A 60 -7.72 -5.26 -14.12
CA LYS A 60 -6.60 -4.71 -14.79
C LYS A 60 -7.01 -3.82 -15.90
N LEU A 61 -8.17 -4.04 -16.47
CA LEU A 61 -8.62 -3.21 -17.59
C LEU A 61 -9.15 -1.87 -17.15
N VAL A 62 -10.01 -1.87 -16.14
CA VAL A 62 -10.46 -0.65 -15.44
C VAL A 62 -9.28 0.19 -14.97
N ALA A 63 -8.23 -0.46 -14.48
CA ALA A 63 -7.09 0.26 -13.94
C ALA A 63 -6.29 0.91 -15.02
N GLU A 64 -6.14 0.26 -16.18
CA GLU A 64 -5.44 0.89 -17.31
C GLU A 64 -6.01 2.26 -17.65
N LYS A 65 -7.33 2.35 -17.76
CA LYS A 65 -7.99 3.64 -17.96
C LYS A 65 -7.66 4.67 -16.89
N ASN A 66 -7.58 4.22 -15.64
CA ASN A 66 -7.23 5.12 -14.57
C ASN A 66 -5.81 5.71 -14.66
N TYR A 67 -4.82 4.94 -15.14
CA TYR A 67 -3.44 5.43 -15.17
C TYR A 67 -3.24 6.63 -16.09
N ASP A 68 -4.16 6.78 -17.04
CA ASP A 68 -4.14 7.92 -17.98
C ASP A 68 -4.65 9.22 -17.37
N GLN A 69 -5.59 9.10 -16.45
CA GLN A 69 -6.11 10.22 -15.67
C GLN A 69 -5.07 10.82 -14.73
N ILE A 70 -4.12 10.01 -14.26
CA ILE A 70 -3.10 10.52 -13.32
C ILE A 70 -1.75 10.84 -13.98
N SER A 71 -0.87 11.47 -13.20
CA SER A 71 0.41 11.93 -13.69
C SER A 71 1.56 11.79 -12.68
N SER A 72 1.26 11.73 -11.39
CA SER A 72 2.35 11.75 -10.39
C SER A 72 3.10 10.41 -10.30
N ILE A 73 2.51 9.35 -10.86
CA ILE A 73 3.03 7.98 -10.73
C ILE A 73 2.60 7.13 -11.92
N GLU A 74 3.41 6.13 -12.26
CA GLU A 74 3.03 5.26 -13.39
C GLU A 74 2.78 3.77 -13.04
N GLU A 75 2.05 3.09 -13.92
CA GLU A 75 1.65 1.72 -13.66
C GLU A 75 2.79 0.86 -13.06
N GLN A 76 3.94 0.82 -13.74
CA GLN A 76 5.15 0.14 -13.26
C GLN A 76 5.46 0.36 -11.76
N GLU A 77 5.29 1.58 -11.24
CA GLU A 77 5.65 1.89 -9.84
C GLU A 77 4.46 1.78 -8.88
N PHE A 78 3.23 1.77 -9.41
CA PHE A 78 2.05 1.89 -8.56
C PHE A 78 1.79 0.57 -7.82
N ILE A 79 1.61 0.62 -6.50
CA ILE A 79 1.41 -0.60 -5.73
C ILE A 79 -0.07 -0.92 -5.67
N GLY A 80 -0.46 -2.11 -6.16
CA GLY A 80 -1.86 -2.48 -6.29
C GLY A 80 -2.43 -2.06 -7.64
N ASP A 81 -3.75 -2.17 -7.76
CA ASP A 81 -4.44 -1.72 -8.95
C ASP A 81 -5.34 -0.54 -8.63
N LEU A 82 -5.21 0.52 -9.44
CA LEU A 82 -5.95 1.77 -9.22
C LEU A 82 -7.34 1.64 -9.80
N ILE A 83 -8.34 1.44 -8.95
CA ILE A 83 -9.65 1.09 -9.47
C ILE A 83 -10.60 2.28 -9.67
N GLN A 84 -10.41 3.33 -8.90
CA GLN A 84 -11.30 4.49 -8.96
C GLN A 84 -10.37 5.68 -8.75
N VAL A 85 -10.46 6.72 -9.57
CA VAL A 85 -9.76 7.98 -9.31
C VAL A 85 -10.50 9.23 -9.80
N ASN A 86 -10.64 10.23 -8.89
CA ASN A 86 -11.04 11.61 -9.19
C ASN A 86 -9.91 12.51 -8.74
N PRO A 87 -9.04 12.90 -9.68
CA PRO A 87 -7.80 13.58 -9.32
C PRO A 87 -8.08 14.79 -8.41
N ASN A 88 -7.27 14.91 -7.35
CA ASN A 88 -7.37 15.95 -6.31
C ASN A 88 -8.56 15.83 -5.40
N VAL A 89 -9.32 14.75 -5.52
CA VAL A 89 -10.52 14.60 -4.69
C VAL A 89 -10.55 13.27 -3.91
N LYS A 90 -10.62 12.14 -4.61
CA LYS A 90 -10.57 10.85 -3.95
C LYS A 90 -10.17 9.74 -4.91
N ALA A 91 -9.66 8.64 -4.34
CA ALA A 91 -9.25 7.47 -5.13
C ALA A 91 -9.33 6.16 -4.34
N GLN A 92 -9.35 5.04 -5.07
CA GLN A 92 -9.26 3.72 -4.45
C GLN A 92 -8.35 2.75 -5.16
N SER A 93 -7.71 1.89 -4.39
CA SER A 93 -6.98 0.78 -4.99
C SER A 93 -7.23 -0.50 -4.24
N ILE A 94 -6.95 -1.61 -4.92
CA ILE A 94 -6.94 -2.91 -4.28
C ILE A 94 -5.59 -3.57 -4.44
N LEU A 95 -5.21 -4.34 -3.43
CA LEU A 95 -3.95 -5.03 -3.42
C LEU A 95 -4.21 -6.45 -2.98
N ASP A 96 -3.93 -7.41 -3.84
CA ASP A 96 -4.03 -8.80 -3.45
C ASP A 96 -2.81 -9.12 -2.60
N ILE A 97 -2.99 -9.63 -1.39
CA ILE A 97 -1.85 -9.97 -0.52
C ILE A 97 -1.26 -11.36 -0.83
N THR A 98 -0.09 -11.40 -1.42
CA THR A 98 0.49 -12.68 -1.76
C THR A 98 1.62 -13.11 -0.79
N SER A 99 2.10 -14.33 -0.97
CA SER A 99 3.08 -14.95 -0.12
C SER A 99 4.33 -14.07 0.14
N ASP A 100 4.72 -13.23 -0.81
CA ASP A 100 5.90 -12.42 -0.62
C ASP A 100 5.64 -11.24 0.30
N SER A 101 4.40 -10.96 0.62
CA SER A 101 4.12 -9.86 1.48
C SER A 101 3.90 -10.29 2.90
N VAL A 102 4.07 -11.57 3.21
CA VAL A 102 3.70 -12.03 4.53
C VAL A 102 4.79 -12.87 5.20
N PHE A 103 4.73 -12.93 6.53
CA PHE A 103 5.61 -13.82 7.31
C PHE A 103 5.24 -15.27 7.07
N HIS A 104 6.25 -16.14 7.03
CA HIS A 104 6.08 -17.53 6.72
C HIS A 104 5.19 -18.27 7.72
N LYS A 105 5.42 -18.04 9.02
CA LYS A 105 4.76 -18.84 10.08
C LYS A 105 3.28 -18.45 10.19
N THR A 106 2.99 -17.15 10.15
CA THR A 106 1.66 -16.68 10.47
C THR A 106 0.80 -16.28 9.28
N GLY A 107 1.43 -15.80 8.22
CA GLY A 107 0.70 -15.43 7.05
C GLY A 107 0.24 -14.01 7.16
N ILE A 108 0.81 -13.27 8.10
CA ILE A 108 0.37 -11.89 8.32
C ILE A 108 1.16 -10.95 7.39
N ALA A 109 0.47 -9.99 6.78
CA ALA A 109 1.11 -9.02 5.92
C ALA A 109 2.11 -8.18 6.70
N ARG A 110 3.30 -7.95 6.13
CA ARG A 110 4.28 -7.05 6.72
C ARG A 110 3.78 -5.61 6.76
N GLY A 111 4.24 -4.86 7.76
CA GLY A 111 3.80 -3.45 7.91
C GLY A 111 3.96 -2.54 6.69
N HIS A 112 5.08 -2.70 6.01
CA HIS A 112 5.33 -1.82 4.94
C HIS A 112 4.52 -2.08 3.69
N VAL A 113 3.90 -3.24 3.57
CA VAL A 113 3.04 -3.54 2.41
C VAL A 113 1.85 -2.58 2.34
N LEU A 114 1.11 -2.49 3.43
CA LEU A 114 -0.07 -1.67 3.45
C LEU A 114 0.32 -0.19 3.41
N PHE A 115 1.43 0.19 4.04
CA PHE A 115 1.85 1.54 3.87
C PHE A 115 2.19 1.84 2.42
N ALA A 116 2.85 0.91 1.74
CA ALA A 116 3.19 1.11 0.34
C ALA A 116 1.95 1.31 -0.54
N GLN A 117 0.88 0.55 -0.29
CA GLN A 117 -0.36 0.74 -1.05
C GLN A 117 -0.91 2.15 -0.75
N ALA A 118 -0.95 2.51 0.52
CA ALA A 118 -1.56 3.75 0.93
C ALA A 118 -0.77 4.96 0.34
N ASN A 119 0.55 4.94 0.50
CA ASN A 119 1.36 6.04 0.01
C ASN A 119 1.26 6.20 -1.49
N SER A 120 1.29 5.12 -2.27
CA SER A 120 1.19 5.34 -3.71
C SER A 120 -0.19 5.79 -4.13
N LEU A 121 -1.21 5.41 -3.37
CA LEU A 121 -2.55 5.91 -3.63
C LEU A 121 -2.62 7.42 -3.44
N CYS A 122 -2.08 7.92 -2.32
CA CYS A 122 -1.99 9.39 -2.10
C CYS A 122 -1.16 10.12 -3.13
N VAL A 123 0.02 9.59 -3.46
CA VAL A 123 0.78 10.19 -4.56
C VAL A 123 -0.05 10.26 -5.83
N ALA A 124 -0.70 9.16 -6.21
CA ALA A 124 -1.49 9.07 -7.46
C ALA A 124 -2.67 10.02 -7.50
N LEU A 125 -3.31 10.16 -6.35
CA LEU A 125 -4.49 11.01 -6.15
C LEU A 125 -4.26 12.48 -6.58
N ILE A 126 -3.10 13.01 -6.25
CA ILE A 126 -2.81 14.41 -6.48
C ILE A 126 -2.20 14.61 -7.86
N LYS A 127 -2.77 15.52 -8.63
CA LYS A 127 -2.34 15.74 -9.99
C LYS A 127 -1.61 17.07 -10.10
N GLN A 128 -0.37 17.10 -9.61
CA GLN A 128 0.46 18.28 -9.73
C GLN A 128 1.78 17.82 -10.27
N PRO A 129 2.56 18.75 -10.90
CA PRO A 129 3.90 18.42 -11.44
C PRO A 129 4.80 17.62 -10.47
N THR A 130 4.89 18.10 -9.24
CA THR A 130 5.69 17.46 -8.21
C THR A 130 4.83 17.09 -7.04
N VAL A 131 4.86 15.84 -6.59
CA VAL A 131 4.08 15.46 -5.42
C VAL A 131 4.87 14.50 -4.57
N LEU A 132 4.91 14.69 -3.25
CA LEU A 132 5.62 13.76 -2.35
C LEU A 132 5.09 13.84 -0.93
N THR A 133 5.12 12.74 -0.20
CA THR A 133 4.67 12.74 1.17
C THR A 133 5.65 13.46 2.08
N HIS A 134 5.19 14.41 2.90
CA HIS A 134 6.04 15.07 3.90
C HIS A 134 5.92 14.38 5.25
N GLU A 135 4.68 14.03 5.60
CA GLU A 135 4.40 13.37 6.87
C GLU A 135 3.27 12.40 6.75
N SER A 136 3.31 11.42 7.63
CA SER A 136 2.26 10.46 7.67
C SER A 136 2.11 9.93 9.07
N SER A 137 0.89 9.58 9.39
CA SER A 137 0.62 8.97 10.67
C SER A 137 -0.27 7.78 10.46
N ILE A 138 0.13 6.61 10.93
CA ILE A 138 -0.66 5.42 10.51
C ILE A 138 -0.96 4.49 11.65
N GLN A 139 -2.09 3.78 11.57
CA GLN A 139 -2.39 2.69 12.50
C GLN A 139 -2.78 1.40 11.81
N PHE A 140 -2.24 0.30 12.30
CA PHE A 140 -2.60 -1.04 11.82
C PHE A 140 -3.63 -1.60 12.72
N ILE A 141 -4.86 -1.63 12.23
CA ILE A 141 -6.01 -1.91 13.08
C ILE A 141 -6.33 -3.40 13.28
N GLU A 142 -6.18 -4.23 12.23
CA GLU A 142 -6.38 -5.70 12.33
C GLU A 142 -5.29 -6.38 11.52
N LYS A 143 -4.90 -7.60 11.88
CA LYS A 143 -3.98 -8.39 11.07
C LYS A 143 -4.53 -8.60 9.64
N VAL A 144 -3.77 -8.26 8.62
CA VAL A 144 -4.08 -8.65 7.24
C VAL A 144 -3.41 -9.98 6.88
N LYS A 145 -4.12 -10.83 6.15
CA LYS A 145 -3.64 -12.19 5.93
C LYS A 145 -3.36 -12.57 4.48
N LEU A 146 -2.51 -13.58 4.31
CA LEU A 146 -2.25 -14.16 3.01
C LEU A 146 -3.54 -14.38 2.23
N ASN A 147 -3.59 -13.88 1.00
CA ASN A 147 -4.73 -14.04 0.06
C ASN A 147 -5.96 -13.19 0.35
N ASP A 148 -5.85 -12.27 1.31
CA ASP A 148 -6.83 -11.20 1.47
C ASP A 148 -6.68 -10.19 0.34
N THR A 149 -7.74 -9.43 0.05
CA THR A 149 -7.64 -8.24 -0.79
C THR A 149 -7.92 -7.03 0.09
N VAL A 150 -6.92 -6.14 0.17
CA VAL A 150 -7.04 -4.88 0.88
C VAL A 150 -7.52 -3.82 -0.10
N ARG A 151 -8.64 -3.19 0.23
CA ARG A 151 -9.15 -2.07 -0.58
C ARG A 151 -8.83 -0.79 0.14
N ALA A 152 -8.01 0.06 -0.47
CA ALA A 152 -7.64 1.35 0.16
C ALA A 152 -8.47 2.52 -0.40
N GLU A 153 -9.02 3.33 0.50
CA GLU A 153 -9.81 4.49 0.10
C GLU A 153 -9.08 5.77 0.55
N ALA A 154 -8.70 6.60 -0.42
CA ALA A 154 -8.04 7.89 -0.14
C ALA A 154 -8.98 9.05 -0.46
N ARG A 155 -9.08 10.00 0.46
CA ARG A 155 -9.78 11.26 0.13
C ARG A 155 -9.09 12.53 0.63
N VAL A 156 -9.14 13.59 -0.16
CA VAL A 156 -8.53 14.87 0.22
C VAL A 156 -9.42 15.49 1.29
N VAL A 157 -8.83 15.93 2.41
CA VAL A 157 -9.62 16.62 3.44
C VAL A 157 -9.30 18.07 3.65
N ASN A 158 -8.09 18.50 3.28
CA ASN A 158 -7.76 19.95 3.16
C ASN A 158 -6.76 20.21 2.04
N GLN A 159 -6.78 21.42 1.50
CA GLN A 159 -5.77 21.80 0.56
C GLN A 159 -5.25 23.19 0.87
N THR A 160 -3.94 23.34 1.08
CA THR A 160 -3.32 24.64 1.28
C THR A 160 -2.54 24.94 0.02
N ALA A 161 -1.75 26.01 0.03
CA ALA A 161 -0.90 26.41 -1.10
C ALA A 161 0.21 25.40 -1.34
N LYS A 162 0.70 24.79 -0.27
CA LYS A 162 1.81 23.83 -0.34
C LYS A 162 1.47 22.33 -0.08
N HIS A 163 0.32 22.03 0.52
CA HIS A 163 0.03 20.65 0.90
C HIS A 163 -1.40 20.24 0.58
N TYR A 164 -1.58 18.95 0.31
CA TYR A 164 -2.87 18.29 0.37
C TYR A 164 -2.81 17.43 1.62
N TYR A 165 -3.84 17.50 2.46
CA TYR A 165 -3.98 16.59 3.59
C TYR A 165 -4.92 15.53 3.14
N VAL A 166 -4.46 14.28 3.19
CA VAL A 166 -5.24 13.13 2.71
C VAL A 166 -5.49 12.13 3.82
N GLU A 167 -6.67 11.54 3.84
CA GLU A 167 -7.02 10.58 4.84
C GLU A 167 -7.23 9.26 4.14
N VAL A 168 -6.56 8.21 4.65
CA VAL A 168 -6.69 6.88 4.04
C VAL A 168 -7.32 5.87 5.00
N LYS A 169 -8.31 5.14 4.49
CA LYS A 169 -8.89 4.01 5.22
C LYS A 169 -8.82 2.77 4.34
N SER A 170 -8.34 1.67 4.92
CA SER A 170 -8.16 0.44 4.17
C SER A 170 -8.94 -0.73 4.76
N TYR A 171 -9.57 -1.51 3.88
CA TYR A 171 -10.53 -2.55 4.26
C TYR A 171 -10.18 -3.91 3.68
N VAL A 172 -10.52 -4.94 4.44
CA VAL A 172 -10.58 -6.28 3.93
C VAL A 172 -12.04 -6.64 4.06
N LYS A 173 -12.68 -6.92 2.92
CA LYS A 173 -14.14 -6.98 2.80
C LYS A 173 -14.73 -5.70 3.43
N HIS A 174 -15.44 -5.84 4.55
CA HIS A 174 -16.02 -4.64 5.20
C HIS A 174 -15.34 -4.20 6.49
N THR A 175 -14.34 -4.97 6.95
CA THR A 175 -13.55 -4.65 8.14
C THR A 175 -12.47 -3.60 7.81
N LEU A 176 -12.37 -2.59 8.68
CA LEU A 176 -11.30 -1.61 8.58
C LEU A 176 -10.04 -2.24 9.17
N VAL A 177 -8.92 -2.21 8.43
CA VAL A 177 -7.66 -2.86 8.89
C VAL A 177 -6.50 -1.87 9.01
N PHE A 178 -6.61 -0.72 8.37
CA PHE A 178 -5.54 0.22 8.34
C PHE A 178 -6.08 1.61 8.19
N LYS A 179 -5.43 2.56 8.85
CA LYS A 179 -5.88 3.93 8.85
C LYS A 179 -4.65 4.85 8.83
N GLY A 180 -4.68 5.91 8.01
CA GLY A 180 -3.53 6.83 7.93
C GLY A 180 -3.86 8.27 7.52
N ASN A 181 -3.17 9.23 8.12
CA ASN A 181 -3.18 10.61 7.60
C ASN A 181 -1.91 10.92 6.87
N PHE A 182 -2.05 11.61 5.74
CA PHE A 182 -0.95 11.90 4.87
C PHE A 182 -0.88 13.39 4.56
N LYS A 183 0.27 13.99 4.82
CA LYS A 183 0.50 15.36 4.43
C LYS A 183 1.31 15.37 3.11
N MET A 184 0.62 15.65 2.00
CA MET A 184 1.25 15.64 0.67
C MET A 184 1.78 16.99 0.21
N PHE A 185 3.10 17.12 0.02
CA PHE A 185 3.67 18.33 -0.54
C PHE A 185 3.41 18.38 -2.05
N TYR A 186 3.17 19.55 -2.60
CA TYR A 186 3.08 19.68 -4.03
C TYR A 186 3.57 21.03 -4.53
N ASP A 187 3.78 21.14 -5.83
CA ASP A 187 4.41 22.29 -6.46
C ASP A 187 4.10 22.20 -7.95
N LYS A 188 3.78 23.34 -8.57
CA LYS A 188 3.59 23.37 -10.04
C LYS A 188 4.83 23.98 -10.74
N ARG A 189 5.90 23.17 -10.85
CA ARG A 189 7.15 23.51 -11.62
C ARG A 189 7.90 22.22 -12.03
N SER B 72 9.82 -5.41 -6.50
CA SER B 72 8.75 -4.45 -6.04
C SER B 72 8.62 -4.39 -4.50
N ILE B 73 8.63 -3.18 -3.91
CA ILE B 73 8.83 -2.99 -2.43
C ILE B 73 7.97 -3.89 -1.50
N GLU B 74 6.67 -4.00 -1.83
CA GLU B 74 5.72 -4.87 -1.12
C GLU B 74 6.05 -6.42 -1.16
N GLU B 75 6.85 -6.85 -2.16
CA GLU B 75 7.22 -8.26 -2.34
C GLU B 75 8.62 -8.62 -1.73
N GLN B 76 9.23 -7.64 -1.04
CA GLN B 76 10.56 -7.78 -0.37
C GLN B 76 10.46 -7.94 1.16
N GLU B 77 11.22 -8.87 1.73
CA GLU B 77 11.20 -9.12 3.20
C GLU B 77 11.96 -8.08 4.04
N PHE B 78 13.30 -8.09 3.90
CA PHE B 78 14.14 -7.07 4.45
C PHE B 78 14.74 -6.10 3.39
N ILE B 79 14.50 -4.80 3.53
CA ILE B 79 14.96 -3.84 2.54
C ILE B 79 16.29 -3.15 2.90
N GLY B 80 17.26 -3.19 2.00
CA GLY B 80 18.59 -2.64 2.26
C GLY B 80 19.58 -3.72 2.69
N ASP B 81 20.81 -3.32 2.99
CA ASP B 81 21.80 -4.21 3.60
C ASP B 81 22.06 -3.82 5.04
N LEU B 82 21.93 -4.79 5.94
CA LEU B 82 22.35 -4.64 7.32
C LEU B 82 23.87 -4.41 7.44
N ILE B 83 24.31 -3.36 8.12
CA ILE B 83 25.76 -3.06 8.22
C ILE B 83 26.30 -3.05 9.64
N GLN B 84 25.41 -2.99 10.62
CA GLN B 84 25.78 -3.02 12.03
C GLN B 84 24.49 -3.49 12.69
N VAL B 85 24.58 -4.43 13.59
CA VAL B 85 23.40 -4.84 14.34
C VAL B 85 23.82 -5.19 15.75
N ASN B 86 23.07 -4.69 16.71
CA ASN B 86 23.23 -5.11 18.07
C ASN B 86 21.88 -5.70 18.45
N PRO B 87 21.78 -7.04 18.36
CA PRO B 87 20.50 -7.73 18.44
C PRO B 87 19.67 -7.24 19.61
N ASN B 88 18.42 -6.93 19.32
CA ASN B 88 17.43 -6.53 20.32
C ASN B 88 17.57 -5.12 20.86
N VAL B 89 18.57 -4.37 20.38
CA VAL B 89 18.91 -3.06 20.89
C VAL B 89 18.92 -1.96 19.78
N LYS B 90 19.79 -2.12 18.78
CA LYS B 90 19.90 -1.14 17.68
C LYS B 90 20.59 -1.74 16.44
N ALA B 91 20.40 -1.13 15.28
CA ALA B 91 20.89 -1.66 14.01
C ALA B 91 20.94 -0.55 12.99
N GLN B 92 21.76 -0.72 11.96
CA GLN B 92 21.80 0.22 10.85
C GLN B 92 21.75 -0.55 9.55
N SER B 93 21.06 0.00 8.56
CA SER B 93 21.12 -0.58 7.23
C SER B 93 21.40 0.50 6.18
N ILE B 94 22.03 0.15 5.07
CA ILE B 94 22.18 1.07 3.96
C ILE B 94 21.37 0.64 2.74
N LEU B 95 20.83 1.61 2.02
CA LEU B 95 20.05 1.33 0.84
C LEU B 95 20.47 2.28 -0.28
N ASP B 96 20.97 1.73 -1.40
CA ASP B 96 21.20 2.55 -2.59
C ASP B 96 19.88 2.84 -3.26
N ILE B 97 19.74 4.06 -3.73
CA ILE B 97 18.53 4.52 -4.36
C ILE B 97 18.72 4.38 -5.87
N THR B 98 18.15 3.30 -6.41
CA THR B 98 18.25 3.02 -7.84
C THR B 98 17.01 3.58 -8.51
N SER B 99 16.90 3.42 -9.83
CA SER B 99 15.76 3.98 -10.53
C SER B 99 14.40 3.32 -10.17
N ASP B 100 14.44 2.15 -9.53
CA ASP B 100 13.18 1.49 -9.08
C ASP B 100 12.55 2.23 -7.93
N SER B 101 13.36 2.92 -7.15
CA SER B 101 12.89 3.58 -5.95
C SER B 101 12.46 5.03 -6.13
N VAL B 102 12.60 5.57 -7.34
CA VAL B 102 12.23 6.95 -7.60
C VAL B 102 11.14 7.10 -8.67
N PHE B 103 10.46 8.26 -8.68
CA PHE B 103 9.65 8.68 -9.84
C PHE B 103 10.55 9.08 -10.98
N HIS B 104 10.22 8.64 -12.18
CA HIS B 104 11.16 8.77 -13.28
C HIS B 104 11.37 10.24 -13.71
N LYS B 105 10.34 11.10 -13.60
CA LYS B 105 10.51 12.47 -14.14
C LYS B 105 11.29 13.44 -13.20
N THR B 106 11.15 13.23 -11.88
CA THR B 106 11.79 14.09 -10.85
C THR B 106 13.12 13.53 -10.30
N GLY B 107 13.21 12.20 -10.22
CA GLY B 107 14.39 11.54 -9.65
C GLY B 107 14.30 11.39 -8.14
N ILE B 108 13.11 11.57 -7.59
CA ILE B 108 12.94 11.64 -6.16
C ILE B 108 12.45 10.31 -5.61
N ALA B 109 13.08 9.82 -4.56
CA ALA B 109 12.68 8.58 -3.90
C ALA B 109 11.26 8.60 -3.43
N ARG B 110 10.67 7.41 -3.41
CA ARG B 110 9.31 7.25 -2.98
C ARG B 110 9.29 7.03 -1.47
N GLY B 111 8.40 7.77 -0.82
CA GLY B 111 8.23 7.72 0.63
C GLY B 111 8.26 6.31 1.14
N HIS B 112 7.55 5.42 0.44
CA HIS B 112 7.38 4.07 0.92
C HIS B 112 8.62 3.23 0.80
N VAL B 113 9.56 3.61 -0.04
CA VAL B 113 10.82 2.88 -0.04
C VAL B 113 11.55 3.15 1.28
N LEU B 114 11.66 4.43 1.66
CA LEU B 114 12.32 4.79 2.91
C LEU B 114 11.59 4.19 4.09
N PHE B 115 10.25 4.19 4.05
CA PHE B 115 9.47 3.56 5.11
C PHE B 115 9.75 2.07 5.25
N ALA B 116 9.78 1.36 4.13
CA ALA B 116 10.09 -0.05 4.16
C ALA B 116 11.47 -0.31 4.73
N GLN B 117 12.45 0.51 4.37
CA GLN B 117 13.77 0.34 4.97
C GLN B 117 13.66 0.52 6.48
N ALA B 118 12.99 1.56 6.95
CA ALA B 118 12.96 1.81 8.38
C ALA B 118 12.23 0.68 9.13
N ASN B 119 11.08 0.28 8.59
CA ASN B 119 10.20 -0.65 9.27
C ASN B 119 10.73 -2.06 9.16
N SER B 120 11.39 -2.38 8.06
CA SER B 120 11.92 -3.71 7.98
C SER B 120 13.16 -3.84 8.89
N LEU B 121 13.82 -2.72 9.18
CA LEU B 121 14.96 -2.66 10.10
C LEU B 121 14.52 -2.90 11.53
N CYS B 122 13.36 -2.34 11.91
CA CYS B 122 12.85 -2.56 13.27
C CYS B 122 12.56 -4.03 13.47
N VAL B 123 11.77 -4.58 12.53
CA VAL B 123 11.38 -6.00 12.57
C VAL B 123 12.63 -6.87 12.66
N ALA B 124 13.66 -6.56 11.89
CA ALA B 124 14.89 -7.34 11.90
C ALA B 124 15.57 -7.33 13.26
N LEU B 125 15.60 -6.18 13.92
CA LEU B 125 16.45 -6.08 15.08
C LEU B 125 15.75 -6.60 16.34
N ILE B 126 14.42 -6.65 16.32
CA ILE B 126 13.69 -7.15 17.46
C ILE B 126 13.82 -8.68 17.46
N LYS B 127 14.34 -9.21 18.55
CA LYS B 127 14.52 -10.64 18.70
C LYS B 127 13.32 -11.26 19.36
N GLN B 128 12.22 -11.34 18.63
CA GLN B 128 11.00 -11.99 19.11
C GLN B 128 10.40 -12.86 17.99
N PRO B 129 9.74 -13.97 18.37
CA PRO B 129 9.19 -14.90 17.33
C PRO B 129 8.25 -14.19 16.33
N THR B 130 7.28 -13.42 16.84
CA THR B 130 6.54 -12.53 15.96
C THR B 130 6.54 -11.07 16.43
N VAL B 131 6.65 -10.18 15.43
CA VAL B 131 6.75 -8.77 15.57
C VAL B 131 5.85 -8.13 14.50
N LEU B 132 4.78 -7.46 14.95
CA LEU B 132 3.85 -6.77 14.06
C LEU B 132 3.84 -5.28 14.34
N THR B 133 3.97 -4.46 13.31
CA THR B 133 3.85 -3.01 13.46
C THR B 133 2.42 -2.66 13.88
N HIS B 134 2.23 -1.98 15.02
CA HIS B 134 0.90 -1.47 15.40
C HIS B 134 0.63 -0.01 14.97
N GLU B 135 1.62 0.88 15.15
CA GLU B 135 1.47 2.32 14.85
C GLU B 135 2.79 2.93 14.43
N SER B 136 2.73 4.04 13.73
CA SER B 136 3.94 4.70 13.31
C SER B 136 3.69 6.15 12.91
N SER B 137 4.64 7.02 13.20
CA SER B 137 4.62 8.41 12.73
C SER B 137 5.90 8.70 12.00
N ILE B 138 5.79 9.23 10.79
CA ILE B 138 6.99 9.42 10.00
C ILE B 138 7.07 10.83 9.39
N GLN B 139 8.29 11.32 9.20
CA GLN B 139 8.51 12.57 8.52
C GLN B 139 9.54 12.37 7.46
N PHE B 140 9.22 12.81 6.26
CA PHE B 140 10.16 12.80 5.15
C PHE B 140 10.78 14.15 5.06
N ILE B 141 11.92 14.28 5.71
CA ILE B 141 12.47 15.59 6.01
C ILE B 141 13.17 16.27 4.84
N GLU B 142 13.85 15.50 3.98
CA GLU B 142 14.48 16.01 2.74
C GLU B 142 14.13 15.11 1.54
N LYS B 143 14.21 15.65 0.36
CA LYS B 143 14.10 14.86 -0.82
C LYS B 143 15.32 14.02 -0.97
N VAL B 144 15.09 12.74 -1.07
CA VAL B 144 16.14 11.77 -1.40
C VAL B 144 16.19 11.57 -2.92
N LYS B 145 17.39 11.46 -3.48
CA LYS B 145 17.55 11.48 -4.94
C LYS B 145 18.14 10.21 -5.52
N LEU B 146 17.89 10.01 -6.80
CA LEU B 146 18.51 8.91 -7.51
C LEU B 146 20.02 8.97 -7.30
N ASN B 147 20.56 7.86 -6.79
CA ASN B 147 22.02 7.65 -6.53
C ASN B 147 22.50 7.99 -5.12
N ASP B 148 21.58 8.32 -4.23
CA ASP B 148 21.90 8.48 -2.82
C ASP B 148 21.98 7.13 -2.11
N THR B 149 22.73 7.11 -1.03
CA THR B 149 22.71 5.99 -0.11
C THR B 149 22.07 6.46 1.19
N VAL B 150 21.01 5.79 1.59
CA VAL B 150 20.32 6.13 2.80
C VAL B 150 20.71 5.14 3.90
N ARG B 151 21.37 5.65 4.94
CA ARG B 151 21.74 4.89 6.13
C ARG B 151 20.59 5.04 7.14
N ALA B 152 19.86 3.97 7.44
CA ALA B 152 18.82 4.02 8.48
C ALA B 152 19.40 3.57 9.81
N GLU B 153 19.16 4.32 10.86
CA GLU B 153 19.67 3.96 12.20
C GLU B 153 18.50 3.75 13.12
N ALA B 154 18.35 2.54 13.63
CA ALA B 154 17.19 2.21 14.45
C ALA B 154 17.62 1.98 15.86
N ARG B 155 16.85 2.45 16.84
CA ARG B 155 17.11 2.01 18.21
C ARG B 155 15.87 1.86 19.10
N VAL B 156 15.95 0.97 20.09
CA VAL B 156 14.80 0.71 20.91
C VAL B 156 14.80 1.73 22.05
N VAL B 157 13.75 2.50 22.18
CA VAL B 157 13.67 3.47 23.22
C VAL B 157 13.11 2.86 24.45
N ASN B 158 12.00 2.19 24.32
CA ASN B 158 11.34 1.49 25.44
C ASN B 158 10.80 0.13 25.00
N GLN B 159 10.45 -0.69 26.00
CA GLN B 159 9.91 -2.02 25.79
C GLN B 159 8.94 -2.35 26.94
N THR B 160 7.73 -2.78 26.57
CA THR B 160 6.73 -3.21 27.57
C THR B 160 6.51 -4.70 27.38
N ALA B 161 5.55 -5.28 28.11
CA ALA B 161 5.26 -6.70 27.93
C ALA B 161 4.71 -6.97 26.52
N LYS B 162 4.07 -5.97 25.91
CA LYS B 162 3.40 -6.14 24.59
C LYS B 162 4.05 -5.39 23.43
N HIS B 163 4.79 -4.29 23.73
CA HIS B 163 5.48 -3.50 22.67
C HIS B 163 6.93 -3.13 22.86
N TYR B 164 7.60 -2.95 21.72
CA TYR B 164 8.87 -2.27 21.63
C TYR B 164 8.55 -0.93 20.97
N TYR B 165 9.05 0.17 21.52
CA TYR B 165 9.01 1.51 20.89
C TYR B 165 10.35 1.80 20.25
N VAL B 166 10.36 1.98 18.94
CA VAL B 166 11.59 2.06 18.21
C VAL B 166 11.64 3.35 17.43
N GLU B 167 12.76 4.07 17.48
CA GLU B 167 12.97 5.27 16.69
C GLU B 167 13.97 4.97 15.59
N VAL B 168 13.69 5.45 14.39
CA VAL B 168 14.63 5.29 13.29
C VAL B 168 14.91 6.68 12.73
N LYS B 169 16.17 7.00 12.51
CA LYS B 169 16.49 8.25 11.85
C LYS B 169 17.30 7.77 10.68
N SER B 170 17.02 8.26 9.46
CA SER B 170 17.78 7.84 8.29
C SER B 170 18.52 9.00 7.68
N TYR B 171 19.72 8.74 7.21
CA TYR B 171 20.56 9.80 6.68
C TYR B 171 21.07 9.57 5.26
N VAL B 172 21.51 10.68 4.66
CA VAL B 172 22.28 10.66 3.45
C VAL B 172 23.53 11.44 3.81
N LYS B 173 24.69 10.81 3.68
CA LYS B 173 25.90 11.33 4.32
C LYS B 173 25.50 11.75 5.74
N HIS B 174 25.56 13.05 6.03
CA HIS B 174 25.24 13.52 7.39
C HIS B 174 24.04 14.45 7.51
N THR B 175 23.04 14.25 6.69
CA THR B 175 21.84 15.08 6.74
C THR B 175 20.69 14.15 7.02
N LEU B 176 19.87 14.50 8.01
CA LEU B 176 18.71 13.70 8.37
C LEU B 176 17.73 13.81 7.23
N VAL B 177 17.28 12.68 6.65
CA VAL B 177 16.31 12.76 5.59
C VAL B 177 14.98 12.13 5.98
N PHE B 178 14.97 11.42 7.11
CA PHE B 178 13.77 10.65 7.49
C PHE B 178 13.78 10.34 8.97
N LYS B 179 12.65 10.49 9.61
CA LYS B 179 12.52 10.10 10.98
C LYS B 179 11.22 9.34 11.18
N GLY B 180 11.27 8.20 11.87
CA GLY B 180 10.05 7.47 12.20
C GLY B 180 9.98 7.02 13.63
N ASN B 181 8.79 7.04 14.21
CA ASN B 181 8.59 6.34 15.46
C ASN B 181 7.73 5.12 15.22
N PHE B 182 8.12 3.97 15.76
CA PHE B 182 7.38 2.74 15.53
C PHE B 182 6.98 2.13 16.83
N LYS B 183 5.69 1.84 16.95
CA LYS B 183 5.17 1.05 18.03
C LYS B 183 4.95 -0.41 17.53
N MET B 184 5.86 -1.33 17.88
CA MET B 184 5.81 -2.71 17.41
C MET B 184 5.28 -3.67 18.45
N PHE B 185 4.24 -4.38 18.07
CA PHE B 185 3.73 -5.47 18.89
C PHE B 185 4.64 -6.70 18.84
N TYR B 186 4.77 -7.41 19.93
CA TYR B 186 5.47 -8.68 19.83
C TYR B 186 4.82 -9.75 20.67
N ASP B 187 5.22 -11.00 20.42
CA ASP B 187 4.75 -12.18 21.15
C ASP B 187 5.77 -13.31 21.01
N LYS B 188 5.93 -14.13 22.05
CA LYS B 188 6.62 -15.44 21.88
C LYS B 188 5.68 -16.58 21.52
N ARG B 189 5.24 -16.68 20.25
CA ARG B 189 4.68 -17.97 19.75
C ARG B 189 5.73 -18.92 19.10
CL CL C . -37.66 -14.81 -18.32
CL CL D . 6.42 9.89 -1.54
CL CL E . -10.34 -14.11 -11.41
CL CL F . -15.31 -13.96 -9.42
CL CL G . -10.41 -11.08 1.30
CL CL H . -28.17 -23.48 -12.79
CL CL I . 19.80 14.32 13.44
CL CL J . 18.63 -7.41 24.86
CL CL K . 11.35 0.38 28.54
#